data_4E59
# 
_entry.id   4E59 
# 
_audit_conform.dict_name       mmcif_pdbx.dic 
_audit_conform.dict_version    5.379 
_audit_conform.dict_location   http://mmcif.pdb.org/dictionaries/ascii/mmcif_pdbx.dic 
# 
loop_
_database_2.database_id 
_database_2.database_code 
_database_2.pdbx_database_accession 
_database_2.pdbx_DOI 
PDB   4E59         pdb_00004e59 10.2210/pdb4e59/pdb 
NDB   NA2423       ?            ?                   
RCSB  RCSB071185   ?            ?                   
WWPDB D_1000071185 ?            ?                   
# 
_pdbx_database_related.db_name        PDB 
_pdbx_database_related.db_id          4E58 
_pdbx_database_related.details        'Similar sequence but with an LNA nucleotide' 
_pdbx_database_related.content_type   unspecified 
# 
_pdbx_database_status.status_code                     REL 
_pdbx_database_status.entry_id                        4E59 
_pdbx_database_status.recvd_initial_deposition_date   2012-03-14 
_pdbx_database_status.deposit_site                    RCSB 
_pdbx_database_status.process_site                    RCSB 
_pdbx_database_status.status_code_sf                  REL 
_pdbx_database_status.status_code_mr                  ? 
_pdbx_database_status.SG_entry                        ? 
_pdbx_database_status.status_code_cs                  ? 
_pdbx_database_status.methods_development_category    ? 
_pdbx_database_status.pdb_format_compatible           Y 
_pdbx_database_status.status_code_nmr_data            ? 
# 
loop_
_audit_author.name 
_audit_author.pdbx_ordinal 
'Kiliszek, A.'     1 
'Kierzek, R.'      2 
'Krzyzosiak, W.J.' 3 
'Rypniewski, W.'   4 
# 
_citation.id                        primary 
_citation.title                     'Crystallographic characterization of CCG repeats.' 
_citation.journal_abbrev            'Nucleic Acids Res.' 
_citation.journal_volume            40 
_citation.page_first                8155 
_citation.page_last                 8162 
_citation.year                      2012 
_citation.journal_id_ASTM           NARHAD 
_citation.country                   UK 
_citation.journal_id_ISSN           0305-1048 
_citation.journal_id_CSD            0389 
_citation.book_publisher            ? 
_citation.pdbx_database_id_PubMed   22718980 
_citation.pdbx_database_id_DOI      10.1093/nar/gks557 
# 
loop_
_citation_author.citation_id 
_citation_author.name 
_citation_author.ordinal 
_citation_author.identifier_ORCID 
primary 'Kiliszek, A.'     1 ? 
primary 'Kierzek, R.'      2 ? 
primary 'Krzyzosiak, W.J.' 3 ? 
primary 'Rypniewski, W.'   4 ? 
# 
_cell.entry_id           4E59 
_cell.length_a           40.580 
_cell.length_b           40.580 
_cell.length_c           56.144 
_cell.angle_alpha        90.00 
_cell.angle_beta         90.00 
_cell.angle_gamma        120.00 
_cell.Z_PDB              18 
_cell.pdbx_unique_axis   ? 
_cell.length_a_esd       ? 
_cell.length_b_esd       ? 
_cell.length_c_esd       ? 
_cell.angle_alpha_esd    ? 
_cell.angle_beta_esd     ? 
_cell.angle_gamma_esd    ? 
# 
_symmetry.entry_id                         4E59 
_symmetry.space_group_name_H-M             'H 3' 
_symmetry.pdbx_full_space_group_name_H-M   ? 
_symmetry.cell_setting                     ? 
_symmetry.Int_Tables_number                146 
_symmetry.space_group_name_Hall            ? 
# 
loop_
_entity.id 
_entity.type 
_entity.src_method 
_entity.pdbx_description 
_entity.formula_weight 
_entity.pdbx_number_of_molecules 
_entity.pdbx_ec 
_entity.pdbx_mutation 
_entity.pdbx_fragment 
_entity.details 
1 polymer syn 'RNA duplex containing CCG repeats' 2516.569 2  ? ? ? ? 
2 water   nat water                               18.015   16 ? ? ? ? 
# 
_entity_poly.entity_id                      1 
_entity_poly.type                           polyribonucleotide 
_entity_poly.nstd_linkage                   no 
_entity_poly.nstd_monomer                   no 
_entity_poly.pdbx_seq_one_letter_code       GCCGCCGC 
_entity_poly.pdbx_seq_one_letter_code_can   GCCGCCGC 
_entity_poly.pdbx_strand_id                 A,B 
_entity_poly.pdbx_target_identifier         ? 
# 
loop_
_entity_poly_seq.entity_id 
_entity_poly_seq.num 
_entity_poly_seq.mon_id 
_entity_poly_seq.hetero 
1 1 G n 
1 2 C n 
1 3 C n 
1 4 G n 
1 5 C n 
1 6 C n 
1 7 G n 
1 8 C n 
# 
_pdbx_entity_src_syn.entity_id              1 
_pdbx_entity_src_syn.pdbx_src_id            1 
_pdbx_entity_src_syn.pdbx_alt_source_flag   sample 
_pdbx_entity_src_syn.pdbx_beg_seq_num       ? 
_pdbx_entity_src_syn.pdbx_end_seq_num       ? 
_pdbx_entity_src_syn.organism_scientific    'Homo sapiens' 
_pdbx_entity_src_syn.organism_common_name   ? 
_pdbx_entity_src_syn.ncbi_taxonomy_id       9606 
_pdbx_entity_src_syn.details                'This sequence is a part of mRNA in humans' 
# 
_struct_ref.id                         1 
_struct_ref.db_name                    PDB 
_struct_ref.db_code                    4E59 
_struct_ref.pdbx_db_accession          4E59 
_struct_ref.entity_id                  1 
_struct_ref.pdbx_align_begin           1 
_struct_ref.pdbx_seq_one_letter_code   GCCGCCGC 
_struct_ref.pdbx_db_isoform            ? 
# 
loop_
_struct_ref_seq.align_id 
_struct_ref_seq.ref_id 
_struct_ref_seq.pdbx_PDB_id_code 
_struct_ref_seq.pdbx_strand_id 
_struct_ref_seq.seq_align_beg 
_struct_ref_seq.pdbx_seq_align_beg_ins_code 
_struct_ref_seq.seq_align_end 
_struct_ref_seq.pdbx_seq_align_end_ins_code 
_struct_ref_seq.pdbx_db_accession 
_struct_ref_seq.db_align_beg 
_struct_ref_seq.pdbx_db_align_beg_ins_code 
_struct_ref_seq.db_align_end 
_struct_ref_seq.pdbx_db_align_end_ins_code 
_struct_ref_seq.pdbx_auth_seq_align_beg 
_struct_ref_seq.pdbx_auth_seq_align_end 
1 1 4E59 A 1 ? 8 ? 4E59 1 ? 8 ? 1 8 
2 1 4E59 B 1 ? 8 ? 4E59 1 ? 8 ? 1 8 
# 
loop_
_chem_comp.id 
_chem_comp.type 
_chem_comp.mon_nstd_flag 
_chem_comp.name 
_chem_comp.pdbx_synonyms 
_chem_comp.formula 
_chem_comp.formula_weight 
C   'RNA linking' y "CYTIDINE-5'-MONOPHOSPHATE"  ? 'C9 H14 N3 O8 P'  323.197 
G   'RNA linking' y "GUANOSINE-5'-MONOPHOSPHATE" ? 'C10 H14 N5 O8 P' 363.221 
HOH non-polymer   . WATER                        ? 'H2 O'            18.015  
# 
_exptl.entry_id          4E59 
_exptl.method            'X-RAY DIFFRACTION' 
_exptl.crystals_number   1 
# 
_exptl_crystal.id                    1 
_exptl_crystal.density_meas          ? 
_exptl_crystal.density_Matthews      1.77 
_exptl_crystal.density_percent_sol   30.41 
_exptl_crystal.description           ? 
_exptl_crystal.F_000                 ? 
_exptl_crystal.preparation           ? 
# 
_exptl_crystal_grow.crystal_id      1 
_exptl_crystal_grow.method          'VAPOR DIFFUSION, HANGING DROP' 
_exptl_crystal_grow.temp            303 
_exptl_crystal_grow.temp_details    ? 
_exptl_crystal_grow.pH              5.6 
_exptl_crystal_grow.pdbx_details    
'magnesium acetate, MES and  ammonium sulphate, pH 5.6, VAPOR DIFFUSION, HANGING DROP, temperature 303K' 
_exptl_crystal_grow.pdbx_pH_range   ? 
# 
_diffrn.id                     1 
_diffrn.ambient_temp           100 
_diffrn.ambient_temp_details   ? 
_diffrn.crystal_id             1 
# 
_diffrn_detector.diffrn_id              1 
_diffrn_detector.detector               CCD 
_diffrn_detector.type                   'MARMOSAIC 225 mm CCD' 
_diffrn_detector.pdbx_collection_date   2010-10-05 
_diffrn_detector.details                ? 
# 
_diffrn_radiation.diffrn_id                        1 
_diffrn_radiation.wavelength_id                    1 
_diffrn_radiation.pdbx_monochromatic_or_laue_m_l   M 
_diffrn_radiation.monochromator                    Si 
_diffrn_radiation.pdbx_diffrn_protocol             'SINGLE WAVELENGTH' 
_diffrn_radiation.pdbx_scattering_type             x-ray 
# 
_diffrn_radiation_wavelength.id           1 
_diffrn_radiation_wavelength.wavelength   0.9184 
_diffrn_radiation_wavelength.wt           1.0 
# 
_diffrn_source.diffrn_id                   1 
_diffrn_source.source                      SYNCHROTRON 
_diffrn_source.type                        'BESSY BEAMLINE 14.2' 
_diffrn_source.pdbx_synchrotron_site       BESSY 
_diffrn_source.pdbx_synchrotron_beamline   14.2 
_diffrn_source.pdbx_wavelength             ? 
_diffrn_source.pdbx_wavelength_list        0.9184 
# 
_reflns.entry_id                     4E59 
_reflns.observed_criterion_sigma_I   0 
_reflns.observed_criterion_sigma_F   0 
_reflns.d_resolution_low             20.00 
_reflns.d_resolution_high            1.54 
_reflns.number_obs                   5101 
_reflns.number_all                   5101 
_reflns.percent_possible_obs         99.9 
_reflns.pdbx_Rmerge_I_obs            ? 
_reflns.pdbx_Rsym_value              0.040 
_reflns.pdbx_netI_over_sigmaI        26.14 
_reflns.B_iso_Wilson_estimate        ? 
_reflns.pdbx_redundancy              4.3 
_reflns.R_free_details               ? 
_reflns.limit_h_max                  ? 
_reflns.limit_h_min                  ? 
_reflns.limit_k_max                  ? 
_reflns.limit_k_min                  ? 
_reflns.limit_l_max                  ? 
_reflns.limit_l_min                  ? 
_reflns.observed_criterion_F_max     ? 
_reflns.observed_criterion_F_min     ? 
_reflns.pdbx_chi_squared             ? 
_reflns.pdbx_scaling_rejects         ? 
_reflns.pdbx_ordinal                 1 
_reflns.pdbx_diffrn_id               1 
# 
_reflns_shell.d_res_high             1.54 
_reflns_shell.d_res_low              1.57 
_reflns_shell.percent_possible_all   100.0 
_reflns_shell.Rmerge_I_obs           ? 
_reflns_shell.pdbx_Rsym_value        0.711 
_reflns_shell.meanI_over_sigI_obs    2.06 
_reflns_shell.pdbx_redundancy        3.8 
_reflns_shell.percent_possible_obs   ? 
_reflns_shell.number_unique_all      262 
_reflns_shell.number_measured_all    ? 
_reflns_shell.number_measured_obs    ? 
_reflns_shell.number_unique_obs      ? 
_reflns_shell.pdbx_chi_squared       ? 
_reflns_shell.pdbx_ordinal           1 
_reflns_shell.pdbx_diffrn_id         1 
# 
_refine.entry_id                                 4E59 
_refine.ls_number_reflns_obs                     5073 
_refine.ls_number_reflns_all                     5073 
_refine.pdbx_ls_sigma_I                          ? 
_refine.pdbx_ls_sigma_F                          1.99 
_refine.pdbx_data_cutoff_high_absF               ? 
_refine.pdbx_data_cutoff_low_absF                ? 
_refine.pdbx_data_cutoff_high_rms_absF           ? 
_refine.ls_d_res_low                             18.715 
_refine.ls_d_res_high                            1.540 
_refine.ls_percent_reflns_obs                    99.41 
_refine.ls_R_factor_obs                          0.2553 
_refine.ls_R_factor_all                          0.2570 
_refine.ls_R_factor_R_work                       0.2553 
_refine.ls_R_factor_R_free                       0.3035 
_refine.ls_R_factor_R_free_error                 ? 
_refine.ls_R_factor_R_free_error_details         ? 
_refine.ls_percent_reflns_R_free                 100.00 
_refine.ls_number_reflns_R_free                  501 
_refine.ls_number_parameters                     ? 
_refine.ls_number_restraints                     ? 
_refine.occupancy_min                            ? 
_refine.occupancy_max                            ? 
_refine.correlation_coeff_Fo_to_Fc               ? 
_refine.correlation_coeff_Fo_to_Fc_free          ? 
_refine.B_iso_mean                               27.79 
_refine.aniso_B[1][1]                            4.8628 
_refine.aniso_B[2][2]                            4.8628 
_refine.aniso_B[3][3]                            -9.7256 
_refine.aniso_B[1][2]                            0.0000 
_refine.aniso_B[1][3]                            -0.0000 
_refine.aniso_B[2][3]                            -0.0000 
_refine.solvent_model_details                    'FLAT BULK SOLVENT MODEL' 
_refine.solvent_model_param_ksol                 0.458 
_refine.solvent_model_param_bsol                 63.918 
_refine.pdbx_solvent_vdw_probe_radii             0.50 
_refine.pdbx_solvent_ion_probe_radii             ? 
_refine.pdbx_solvent_shrinkage_radii             0.16 
_refine.pdbx_ls_cross_valid_method               THROUGHOUT 
_refine.details                                  ? 
_refine.pdbx_starting_model                      4E58 
_refine.pdbx_method_to_determine_struct          'MOLECULAR REPLACEMENT' 
_refine.pdbx_isotropic_thermal_model             ? 
_refine.pdbx_stereochemistry_target_values       ML 
_refine.pdbx_stereochem_target_val_spec_case     ? 
_refine.pdbx_R_Free_selection_details            RANDOM 
_refine.pdbx_overall_ESU_R                       ? 
_refine.pdbx_overall_ESU_R_Free                  ? 
_refine.overall_SU_ML                            0.25 
_refine.pdbx_overall_phase_error                 30.22 
_refine.overall_SU_B                             ? 
_refine.overall_SU_R_Cruickshank_DPI             ? 
_refine.ls_redundancy_reflns_obs                 ? 
_refine.B_iso_min                                ? 
_refine.B_iso_max                                ? 
_refine.overall_SU_R_free                        ? 
_refine.ls_wR_factor_R_free                      ? 
_refine.ls_wR_factor_R_work                      ? 
_refine.overall_FOM_free_R_set                   ? 
_refine.overall_FOM_work_R_set                   ? 
_refine.pdbx_diffrn_id                           1 
_refine.pdbx_refine_id                           'X-RAY DIFFRACTION' 
_refine.pdbx_TLS_residual_ADP_flag               ? 
_refine.pdbx_overall_SU_R_free_Cruickshank_DPI   ? 
_refine.pdbx_overall_SU_R_Blow_DPI               ? 
_refine.pdbx_overall_SU_R_free_Blow_DPI          ? 
# 
_refine_hist.pdbx_refine_id                   'X-RAY DIFFRACTION' 
_refine_hist.cycle_id                         LAST 
_refine_hist.pdbx_number_atoms_protein        0 
_refine_hist.pdbx_number_atoms_nucleic_acid   300 
_refine_hist.pdbx_number_atoms_ligand         0 
_refine_hist.number_atoms_solvent             16 
_refine_hist.number_atoms_total               316 
_refine_hist.d_res_high                       1.540 
_refine_hist.d_res_low                        18.715 
# 
loop_
_refine_ls_restr.type 
_refine_ls_restr.dev_ideal 
_refine_ls_restr.dev_ideal_target 
_refine_ls_restr.weight 
_refine_ls_restr.number 
_refine_ls_restr.pdbx_restraint_function 
_refine_ls_restr.pdbx_refine_id 
f_bond_d           0.010  ? ? 332 ? 'X-RAY DIFFRACTION' 
f_angle_d          1.290  ? ? 516 ? 'X-RAY DIFFRACTION' 
f_dihedral_angle_d 13.993 ? ? 164 ? 'X-RAY DIFFRACTION' 
f_chiral_restr     0.076  ? ? 70  ? 'X-RAY DIFFRACTION' 
f_plane_restr      0.015  ? ? 14  ? 'X-RAY DIFFRACTION' 
# 
_refine_ls_shell.pdbx_total_number_of_bins_used   ? 
_refine_ls_shell.d_res_high                       1.540 
_refine_ls_shell.d_res_low                        1.6950 
_refine_ls_shell.number_reflns_R_work             161 
_refine_ls_shell.R_factor_R_work                  0.3411 
_refine_ls_shell.percent_reflns_obs               100.00 
_refine_ls_shell.R_factor_R_free                  0.3627 
_refine_ls_shell.R_factor_R_free_error            ? 
_refine_ls_shell.percent_reflns_R_free            ? 
_refine_ls_shell.number_reflns_R_free             130 
_refine_ls_shell.number_reflns_all                ? 
_refine_ls_shell.R_factor_all                     ? 
_refine_ls_shell.number_reflns_obs                1270 
_refine_ls_shell.redundancy_reflns_obs            ? 
_refine_ls_shell.pdbx_refine_id                   'X-RAY DIFFRACTION' 
# 
_struct.entry_id                  4E59 
_struct.title                     'Crystal structure of GCCGCCGC duplex' 
_struct.pdbx_model_details        ? 
_struct.pdbx_CASP_flag            ? 
_struct.pdbx_model_type_details   ? 
# 
_struct_keywords.entry_id        4E59 
_struct_keywords.pdbx_keywords   RNA 
_struct_keywords.text            
;3' slippery duplexes, X-linked mental retardation, Huntington's disease, myotonic dystrophy type 1, RNA, CCG repeats
;
# 
loop_
_struct_asym.id 
_struct_asym.pdbx_blank_PDB_chainid_flag 
_struct_asym.pdbx_modified 
_struct_asym.entity_id 
_struct_asym.details 
A N N 1 ? 
B N N 1 ? 
C N N 2 ? 
D N N 2 ? 
# 
loop_
_struct_conn.id 
_struct_conn.conn_type_id 
_struct_conn.pdbx_leaving_atom_flag 
_struct_conn.pdbx_PDB_id 
_struct_conn.ptnr1_label_asym_id 
_struct_conn.ptnr1_label_comp_id 
_struct_conn.ptnr1_label_seq_id 
_struct_conn.ptnr1_label_atom_id 
_struct_conn.pdbx_ptnr1_label_alt_id 
_struct_conn.pdbx_ptnr1_PDB_ins_code 
_struct_conn.pdbx_ptnr1_standard_comp_id 
_struct_conn.ptnr1_symmetry 
_struct_conn.ptnr2_label_asym_id 
_struct_conn.ptnr2_label_comp_id 
_struct_conn.ptnr2_label_seq_id 
_struct_conn.ptnr2_label_atom_id 
_struct_conn.pdbx_ptnr2_label_alt_id 
_struct_conn.pdbx_ptnr2_PDB_ins_code 
_struct_conn.ptnr1_auth_asym_id 
_struct_conn.ptnr1_auth_comp_id 
_struct_conn.ptnr1_auth_seq_id 
_struct_conn.ptnr2_auth_asym_id 
_struct_conn.ptnr2_auth_comp_id 
_struct_conn.ptnr2_auth_seq_id 
_struct_conn.ptnr2_symmetry 
_struct_conn.pdbx_ptnr3_label_atom_id 
_struct_conn.pdbx_ptnr3_label_seq_id 
_struct_conn.pdbx_ptnr3_label_comp_id 
_struct_conn.pdbx_ptnr3_label_asym_id 
_struct_conn.pdbx_ptnr3_label_alt_id 
_struct_conn.pdbx_ptnr3_PDB_ins_code 
_struct_conn.details 
_struct_conn.pdbx_dist_value 
_struct_conn.pdbx_value_order 
_struct_conn.pdbx_role 
hydrog1  hydrog ? ? A G 1 N1 ? ? ? 1_555 B C 5 N3 ? ? A G 1 B C 5 1_555 ? ? ? ? ? ? WATSON-CRICK ? ? ? 
hydrog2  hydrog ? ? A G 1 N2 ? ? ? 1_555 B C 5 O2 ? ? A G 1 B C 5 1_555 ? ? ? ? ? ? WATSON-CRICK ? ? ? 
hydrog3  hydrog ? ? A G 1 O6 ? ? ? 1_555 B C 5 N4 ? ? A G 1 B C 5 1_555 ? ? ? ? ? ? WATSON-CRICK ? ? ? 
hydrog4  hydrog ? ? A C 2 N3 ? ? ? 1_555 B G 4 N1 ? ? A C 2 B G 4 1_555 ? ? ? ? ? ? WATSON-CRICK ? ? ? 
hydrog5  hydrog ? ? A C 2 N4 ? ? ? 1_555 B G 4 O6 ? ? A C 2 B G 4 1_555 ? ? ? ? ? ? WATSON-CRICK ? ? ? 
hydrog6  hydrog ? ? A C 2 O2 ? ? ? 1_555 B G 4 N2 ? ? A C 2 B G 4 1_555 ? ? ? ? ? ? WATSON-CRICK ? ? ? 
hydrog7  hydrog ? ? A G 4 N1 ? ? ? 1_555 B C 2 N3 ? ? A G 4 B C 2 1_555 ? ? ? ? ? ? WATSON-CRICK ? ? ? 
hydrog8  hydrog ? ? A G 4 N2 ? ? ? 1_555 B C 2 O2 ? ? A G 4 B C 2 1_555 ? ? ? ? ? ? WATSON-CRICK ? ? ? 
hydrog9  hydrog ? ? A G 4 O6 ? ? ? 1_555 B C 2 N4 ? ? A G 4 B C 2 1_555 ? ? ? ? ? ? WATSON-CRICK ? ? ? 
hydrog10 hydrog ? ? A C 5 N3 ? ? ? 1_555 B G 1 N1 ? ? A C 5 B G 1 1_555 ? ? ? ? ? ? WATSON-CRICK ? ? ? 
hydrog11 hydrog ? ? A C 5 N4 ? ? ? 1_555 B G 1 O6 ? ? A C 5 B G 1 1_555 ? ? ? ? ? ? WATSON-CRICK ? ? ? 
hydrog12 hydrog ? ? A C 5 O2 ? ? ? 1_555 B G 1 N2 ? ? A C 5 B G 1 1_555 ? ? ? ? ? ? WATSON-CRICK ? ? ? 
# 
_struct_conn_type.id          hydrog 
_struct_conn_type.criteria    ? 
_struct_conn_type.reference   ? 
# 
_atom_sites.entry_id                    4E59 
_atom_sites.fract_transf_matrix[1][1]   -0.00657006 
_atom_sites.fract_transf_matrix[1][2]   -0.00081394 
_atom_sites.fract_transf_matrix[1][3]   0.02767412 
_atom_sites.fract_transf_matrix[2][1]   -0.02563865 
_atom_sites.fract_transf_matrix[2][2]   -0.00916066 
_atom_sites.fract_transf_matrix[2][3]   0.00827219 
_atom_sites.fract_transf_matrix[3][1]   0.00626825 
_atom_sites.fract_transf_matrix[3][2]   -0.01664162 
_atom_sites.fract_transf_matrix[3][3]   0.00099868 
_atom_sites.fract_transf_vector[1]      0.037675 
_atom_sites.fract_transf_vector[2]      0.258466 
_atom_sites.fract_transf_vector[3]      0.174535 
# 
loop_
_atom_type.symbol 
C 
N 
O 
P 
# 
loop_
_atom_site.group_PDB 
_atom_site.id 
_atom_site.type_symbol 
_atom_site.label_atom_id 
_atom_site.label_alt_id 
_atom_site.label_comp_id 
_atom_site.label_asym_id 
_atom_site.label_entity_id 
_atom_site.label_seq_id 
_atom_site.pdbx_PDB_ins_code 
_atom_site.Cartn_x 
_atom_site.Cartn_y 
_atom_site.Cartn_z 
_atom_site.occupancy 
_atom_site.B_iso_or_equiv 
_atom_site.pdbx_formal_charge 
_atom_site.auth_seq_id 
_atom_site.auth_comp_id 
_atom_site.auth_asym_id 
_atom_site.auth_atom_id 
_atom_site.pdbx_PDB_model_num 
ATOM   1   O "O5'" . G   A 1 1 ? -9.460  -6.180  -2.414  1.00 46.49 ? 1   G   A "O5'" 1 
ATOM   2   C "C5'" . G   A 1 1 ? -10.305 -5.938  -1.301  1.00 50.59 ? 1   G   A "C5'" 1 
ATOM   3   C "C4'" . G   A 1 1 ? -9.685  -6.409  -0.005  1.00 47.42 ? 1   G   A "C4'" 1 
ATOM   4   O "O4'" . G   A 1 1 ? -8.625  -7.369  -0.262  1.00 46.39 ? 1   G   A "O4'" 1 
ATOM   5   C "C3'" . G   A 1 1 ? -8.986  -5.358  0.826   1.00 46.29 ? 1   G   A "C3'" 1 
ATOM   6   O "O3'" . G   A 1 1 ? -9.865  -4.474  1.490   1.00 52.67 ? 1   G   A "O3'" 1 
ATOM   7   C "C2'" . G   A 1 1 ? -8.135  -6.209  1.753   1.00 47.76 ? 1   G   A "C2'" 1 
ATOM   8   O "O2'" . G   A 1 1 ? -8.948  -6.865  2.725   1.00 50.86 ? 1   G   A "O2'" 1 
ATOM   9   C "C1'" . G   A 1 1 ? -7.639  -7.254  0.767   1.00 47.47 ? 1   G   A "C1'" 1 
ATOM   10  N N9    . G   A 1 1 ? -6.331  -6.879  0.165   1.00 46.02 ? 1   G   A N9    1 
ATOM   11  C C8    . G   A 1 1 ? -6.054  -6.575  -1.145  1.00 38.85 ? 1   G   A C8    1 
ATOM   12  N N7    . G   A 1 1 ? -4.778  -6.303  -1.356  1.00 39.27 ? 1   G   A N7    1 
ATOM   13  C C5    . G   A 1 1 ? -4.177  -6.403  -0.119  1.00 33.70 ? 1   G   A C5    1 
ATOM   14  C C6    . G   A 1 1 ? -2.819  -6.222  0.244   1.00 37.89 ? 1   G   A C6    1 
ATOM   15  O O6    . G   A 1 1 ? -1.865  -5.917  -0.467  1.00 43.65 ? 1   G   A O6    1 
ATOM   16  N N1    . G   A 1 1 ? -2.575  -6.425  1.588   1.00 38.08 ? 1   G   A N1    1 
ATOM   17  C C2    . G   A 1 1 ? -3.558  -6.747  2.482   1.00 38.84 ? 1   G   A C2    1 
ATOM   18  N N2    . G   A 1 1 ? -3.081  -6.879  3.733   1.00 36.50 ? 1   G   A N2    1 
ATOM   19  N N3    . G   A 1 1 ? -4.863  -6.947  2.160   1.00 38.57 ? 1   G   A N3    1 
ATOM   20  C C4    . G   A 1 1 ? -5.108  -6.773  0.836   1.00 39.05 ? 1   G   A C4    1 
ATOM   21  P P     . C   A 1 2 ? -9.438  -2.933  1.667   1.00 54.54 ? 2   C   A P     1 
ATOM   22  O OP1   . C   A 1 2 ? -10.634 -2.189  2.159   1.00 56.99 ? 2   C   A OP1   1 
ATOM   23  O OP2   . C   A 1 2 ? -8.819  -2.508  0.389   1.00 54.50 ? 2   C   A OP2   1 
ATOM   24  O "O5'" . C   A 1 2 ? -8.340  -3.006  2.815   1.00 51.22 ? 2   C   A "O5'" 1 
ATOM   25  C "C5'" . C   A 1 2 ? -8.676  -3.458  4.116   1.00 47.40 ? 2   C   A "C5'" 1 
ATOM   26  C "C4'" . C   A 1 2 ? -7.496  -3.366  5.044   1.00 43.85 ? 2   C   A "C4'" 1 
ATOM   27  O "O4'" . C   A 1 2 ? -6.453  -4.279  4.601   1.00 47.04 ? 2   C   A "O4'" 1 
ATOM   28  C "C3'" . C   A 1 2 ? -6.815  -2.003  5.109   1.00 47.94 ? 2   C   A "C3'" 1 
ATOM   29  O "O3'" . C   A 1 2 ? -7.460  -1.125  6.023   1.00 46.80 ? 2   C   A "O3'" 1 
ATOM   30  C "C2'" . C   A 1 2 ? -5.402  -2.365  5.521   1.00 44.63 ? 2   C   A "C2'" 1 
ATOM   31  O "O2'" . C   A 1 2 ? -5.349  -2.618  6.919   1.00 46.47 ? 2   C   A "O2'" 1 
ATOM   32  C "C1'" . C   A 1 2 ? -5.192  -3.687  4.779   1.00 45.10 ? 2   C   A "C1'" 1 
ATOM   33  N N1    . C   A 1 2 ? -4.573  -3.487  3.452   1.00 37.32 ? 2   C   A N1    1 
ATOM   34  C C2    . C   A 1 2 ? -3.167  -3.391  3.422   1.00 35.78 ? 2   C   A C2    1 
ATOM   35  O O2    . C   A 1 2 ? -2.532  -3.479  4.481   1.00 36.90 ? 2   C   A O2    1 
ATOM   36  N N3    . C   A 1 2 ? -2.547  -3.193  2.252   1.00 36.72 ? 2   C   A N3    1 
ATOM   37  C C4    . C   A 1 2 ? -3.248  -3.112  1.113   1.00 32.91 ? 2   C   A C4    1 
ATOM   38  N N4    . C   A 1 2 ? -2.538  -2.948  -0.004  1.00 35.57 ? 2   C   A N4    1 
ATOM   39  C C5    . C   A 1 2 ? -4.682  -3.197  1.101   1.00 40.05 ? 2   C   A C5    1 
ATOM   40  C C6    . C   A 1 2 ? -5.293  -3.379  2.283   1.00 36.55 ? 2   C   A C6    1 
ATOM   41  P P     . C   A 1 3 ? -7.113  0.456   6.068   1.00 54.92 ? 3   C   A P     1 
ATOM   42  O OP1   . C   A 1 3 ? -7.974  1.056   7.129   1.00 56.01 ? 3   C   A OP1   1 
ATOM   43  O OP2   . C   A 1 3 ? -7.233  0.974   4.678   1.00 45.75 ? 3   C   A OP2   1 
ATOM   44  O "O5'" . C   A 1 3 ? -5.579  0.475   6.539   1.00 48.98 ? 3   C   A "O5'" 1 
ATOM   45  C "C5'" . C   A 1 3 ? -4.838  1.676   6.570   1.00 44.54 ? 3   C   A "C5'" 1 
ATOM   46  C "C4'" . C   A 1 3 ? -3.489  1.506   7.224   1.00 40.74 ? 3   C   A "C4'" 1 
ATOM   47  O "O4'" . C   A 1 3 ? -2.837  0.311   6.712   1.00 42.45 ? 3   C   A "O4'" 1 
ATOM   48  C "C3'" . C   A 1 3 ? -2.512  2.635   6.935   1.00 39.19 ? 3   C   A "C3'" 1 
ATOM   49  O "O3'" . C   A 1 3 ? -2.678  3.760   7.795   1.00 35.77 ? 3   C   A "O3'" 1 
ATOM   50  C "C2'" . C   A 1 3 ? -1.139  1.964   6.985   1.00 38.82 ? 3   C   A "C2'" 1 
ATOM   51  O "O2'" . C   A 1 3 ? -0.660  1.840   8.317   1.00 38.05 ? 3   C   A "O2'" 1 
ATOM   52  C "C1'" . C   A 1 3 ? -1.467  0.565   6.452   1.00 42.27 ? 3   C   A "C1'" 1 
ATOM   53  N N1    . C   A 1 3 ? -1.246  0.456   4.985   1.00 35.46 ? 3   C   A N1    1 
ATOM   54  C C2    . C   A 1 3 ? 0.065   0.519   4.439   1.00 36.58 ? 3   C   A C2    1 
ATOM   55  O O2    . C   A 1 3 ? 1.039   0.672   5.197   1.00 40.27 ? 3   C   A O2    1 
ATOM   56  N N3    . C   A 1 3 ? 0.257   0.419   3.095   1.00 40.67 ? 3   C   A N3    1 
ATOM   57  C C4    . C   A 1 3 ? -0.804  0.263   2.285   1.00 35.56 ? 3   C   A C4    1 
ATOM   58  N N4    . C   A 1 3 ? -0.574  0.168   0.942   1.00 31.33 ? 3   C   A N4    1 
ATOM   59  C C5    . C   A 1 3 ? -2.142  0.238   2.808   1.00 34.54 ? 3   C   A C5    1 
ATOM   60  C C6    . C   A 1 3 ? -2.317  0.304   4.143   1.00 37.66 ? 3   C   A C6    1 
ATOM   61  P P     . G   A 1 4 ? -2.674  5.226   7.177   1.00 43.00 ? 4   G   A P     1 
ATOM   62  O OP1   . G   A 1 4 ? -2.809  6.189   8.306   1.00 44.63 ? 4   G   A OP1   1 
ATOM   63  O OP2   . G   A 1 4 ? -3.681  5.274   6.093   1.00 37.27 ? 4   G   A OP2   1 
ATOM   64  O "O5'" . G   A 1 4 ? -1.201  5.323   6.576   1.00 36.30 ? 4   G   A "O5'" 1 
ATOM   65  C "C5'" . G   A 1 4 ? -0.086  5.390   7.437   1.00 34.38 ? 4   G   A "C5'" 1 
ATOM   66  C "C4'" . G   A 1 4 ? 1.175   5.628   6.662   1.00 33.53 ? 4   G   A "C4'" 1 
ATOM   67  O "O4'" . G   A 1 4 ? 1.474   4.455   5.856   1.00 30.86 ? 4   G   A "O4'" 1 
ATOM   68  C "C3'" . G   A 1 4 ? 1.121   6.766   5.647   1.00 30.92 ? 4   G   A "C3'" 1 
ATOM   69  O "O3'" . G   A 1 4 ? 1.327   8.052   6.206   1.00 32.74 ? 4   G   A "O3'" 1 
ATOM   70  C "C2'" . G   A 1 4 ? 2.193   6.374   4.658   1.00 27.92 ? 4   G   A "C2'" 1 
ATOM   71  O "O2'" . G   A 1 4 ? 3.467   6.633   5.197   1.00 30.49 ? 4   G   A "O2'" 1 
ATOM   72  C "C1'" . G   A 1 4 ? 2.011   4.860   4.612   1.00 32.04 ? 4   G   A "C1'" 1 
ATOM   73  N N9    . G   A 1 4 ? 1.099   4.441   3.528   1.00 26.85 ? 4   G   A N9    1 
ATOM   74  C C8    . G   A 1 4 ? -0.226  4.115   3.550   1.00 32.76 ? 4   G   A C8    1 
ATOM   75  N N7    . G   A 1 4 ? -0.700  3.752   2.376   1.00 33.14 ? 4   G   A N7    1 
ATOM   76  C C5    . G   A 1 4 ? 0.403   3.833   1.518   1.00 28.22 ? 4   G   A C5    1 
ATOM   77  C C6    . G   A 1 4 ? 0.510   3.507   0.135   1.00 34.89 ? 4   G   A C6    1 
ATOM   78  O O6    . G   A 1 4 ? -0.418  3.140   -0.615  1.00 37.26 ? 4   G   A O6    1 
ATOM   79  N N1    . G   A 1 4 ? 1.799   3.692   -0.365  1.00 30.76 ? 4   G   A N1    1 
ATOM   80  C C2    . G   A 1 4 ? 2.847   4.138   0.428   1.00 32.88 ? 4   G   A C2    1 
ATOM   81  N N2    . G   A 1 4 ? 3.995   4.285   -0.247  1.00 32.68 ? 4   G   A N2    1 
ATOM   82  N N3    . G   A 1 4 ? 2.769   4.420   1.748   1.00 32.18 ? 4   G   A N3    1 
ATOM   83  C C4    . G   A 1 4 ? 1.518   4.251   2.217   1.00 28.41 ? 4   G   A C4    1 
ATOM   84  P P     . C   A 1 5 ? 0.678   9.312   5.467   1.00 35.31 ? 5   C   A P     1 
ATOM   85  O OP1   . C   A 1 5 ? 1.021   10.548  6.283   1.00 36.67 ? 5   C   A OP1   1 
ATOM   86  O OP2   . C   A 1 5 ? -0.738  9.012   5.236   1.00 33.82 ? 5   C   A OP2   1 
ATOM   87  O "O5'" . C   A 1 5 ? 1.444   9.344   4.072   1.00 33.22 ? 5   C   A "O5'" 1 
ATOM   88  C "C5'" . C   A 1 5 ? 2.769   9.822   3.962   1.00 33.91 ? 5   C   A "C5'" 1 
ATOM   89  C "C4'" . C   A 1 5 ? 3.295   9.714   2.544   1.00 29.00 ? 5   C   A "C4'" 1 
ATOM   90  O "O4'" . C   A 1 5 ? 3.187   8.349   2.075   1.00 31.60 ? 5   C   A "O4'" 1 
ATOM   91  C "C3'" . C   A 1 5 ? 2.557   10.511  1.460   1.00 25.47 ? 5   C   A "C3'" 1 
ATOM   92  O "O3'" . C   A 1 5 ? 2.847   11.892  1.459   1.00 31.71 ? 5   C   A "O3'" 1 
ATOM   93  C "C2'" . C   A 1 5 ? 3.043   9.812   0.212   1.00 30.15 ? 5   C   A "C2'" 1 
ATOM   94  O "O2'" . C   A 1 5 ? 4.380   10.158  -0.040  1.00 31.33 ? 5   C   A "O2'" 1 
ATOM   95  C "C1'" . C   A 1 5 ? 3.012   8.359   0.669   1.00 30.30 ? 5   C   A "C1'" 1 
ATOM   96  N N1    . C   A 1 5 ? 1.729   7.729   0.348   1.00 30.38 ? 5   C   A N1    1 
ATOM   97  C C2    . C   A 1 5 ? 1.653   7.237   -0.935  1.00 29.88 ? 5   C   A C2    1 
ATOM   98  O O2    . C   A 1 5 ? 2.629   7.371   -1.679  1.00 31.35 ? 5   C   A O2    1 
ATOM   99  N N3    . C   A 1 5 ? 0.523   6.663   -1.352  1.00 29.85 ? 5   C   A N3    1 
ATOM   100 C C4    . C   A 1 5 ? -0.501  6.596   -0.524  1.00 28.85 ? 5   C   A C4    1 
ATOM   101 N N4    . C   A 1 5 ? -1.587  6.009   -1.013  1.00 34.44 ? 5   C   A N4    1 
ATOM   102 C C5    . C   A 1 5 ? -0.487  7.100   0.801   1.00 28.20 ? 5   C   A C5    1 
ATOM   103 C C6    . C   A 1 5 ? 0.665   7.654   1.217   1.00 29.16 ? 5   C   A C6    1 
ATOM   104 P P     . C   A 1 6 ? 1.740   12.949  0.971   1.00 30.30 ? 6   C   A P     1 
ATOM   105 O OP1   . C   A 1 6 ? 2.297   14.298  1.254   1.00 28.71 ? 6   C   A OP1   1 
ATOM   106 O OP2   . C   A 1 6 ? 0.441   12.558  1.583   1.00 30.22 ? 6   C   A OP2   1 
ATOM   107 O "O5'" . C   A 1 6 ? 1.666   12.721  -0.609  1.00 31.49 ? 6   C   A "O5'" 1 
ATOM   108 C "C5'" . C   A 1 6 ? 2.731   13.148  -1.437  1.00 30.18 ? 6   C   A "C5'" 1 
ATOM   109 C "C4'" . C   A 1 6 ? 2.561   12.648  -2.847  1.00 31.68 ? 6   C   A "C4'" 1 
ATOM   110 O "O4'" . C   A 1 6 ? 2.414   11.225  -2.853  1.00 28.38 ? 6   C   A "O4'" 1 
ATOM   111 C "C3'" . C   A 1 6 ? 1.328   13.127  -3.599  1.00 26.97 ? 6   C   A "C3'" 1 
ATOM   112 O "O3'" . C   A 1 6 ? 1.482   14.444  -4.082  1.00 26.22 ? 6   C   A "O3'" 1 
ATOM   113 C "C2'" . C   A 1 6 ? 1.239   12.095  -4.709  1.00 31.88 ? 6   C   A "C2'" 1 
ATOM   114 O "O2'" . C   A 1 6 ? 2.286   12.309  -5.633  1.00 33.00 ? 6   C   A "O2'" 1 
ATOM   115 C "C1'" . C   A 1 6 ? 1.585   10.824  -3.937  1.00 29.47 ? 6   C   A "C1'" 1 
ATOM   116 N N1    . C   A 1 6 ? 0.373   10.172  -3.413  1.00 27.72 ? 6   C   A N1    1 
ATOM   117 C C2    . C   A 1 6 ? -0.442  9.365   -4.235  1.00 30.94 ? 6   C   A C2    1 
ATOM   118 O O2    . C   A 1 6 ? -0.158  9.201   -5.406  1.00 31.87 ? 6   C   A O2    1 
ATOM   119 N N3    . C   A 1 6 ? -1.564  8.784   -3.779  1.00 26.80 ? 6   C   A N3    1 
ATOM   120 C C4    . C   A 1 6 ? -1.949  8.994   -2.542  1.00 32.57 ? 6   C   A C4    1 
ATOM   121 N N4    . C   A 1 6 ? -3.085  8.388   -2.134  1.00 35.88 ? 6   C   A N4    1 
ATOM   122 C C5    . C   A 1 6 ? -1.168  9.768   -1.666  1.00 29.37 ? 6   C   A C5    1 
ATOM   123 C C6    . C   A 1 6 ? -0.042  10.348  -2.122  1.00 31.37 ? 6   C   A C6    1 
ATOM   124 P P     . G   A 1 7 ? 0.198   15.380  -4.295  1.00 32.87 ? 7   G   A P     1 
ATOM   125 O OP1   . G   A 1 7 ? 0.711   16.722  -4.695  1.00 37.85 ? 7   G   A OP1   1 
ATOM   126 O OP2   . G   A 1 7 ? -0.615  15.255  -3.064  1.00 35.89 ? 7   G   A OP2   1 
ATOM   127 O "O5'" . G   A 1 7 ? -0.536  14.682  -5.524  1.00 35.60 ? 7   G   A "O5'" 1 
ATOM   128 C "C5'" . G   A 1 7 ? -0.041  14.828  -6.857  1.00 34.85 ? 7   G   A "C5'" 1 
ATOM   129 C "C4'" . G   A 1 7 ? -0.792  13.959  -7.848  1.00 35.37 ? 7   G   A "C4'" 1 
ATOM   130 O "O4'" . G   A 1 7 ? -0.869  12.590  -7.364  1.00 36.38 ? 7   G   A "O4'" 1 
ATOM   131 C "C3'" . G   A 1 7 ? -2.248  14.316  -8.108  1.00 41.14 ? 7   G   A "C3'" 1 
ATOM   132 O "O3'" . G   A 1 7 ? -2.401  15.422  -8.978  1.00 45.79 ? 7   G   A "O3'" 1 
ATOM   133 C "C2'" . G   A 1 7 ? -2.784  13.015  -8.685  1.00 42.96 ? 7   G   A "C2'" 1 
ATOM   134 O "O2'" . G   A 1 7 ? -2.281  12.814  -10.002 1.00 40.07 ? 7   G   A "O2'" 1 
ATOM   135 C "C1'" . G   A 1 7 ? -2.090  12.007  -7.787  1.00 39.76 ? 7   G   A "C1'" 1 
ATOM   136 N N9    . G   A 1 7 ? -2.888  11.642  -6.589  1.00 38.57 ? 7   G   A N9    1 
ATOM   137 C C8    . G   A 1 7 ? -2.560  12.078  -5.336  1.00 33.65 ? 7   G   A C8    1 
ATOM   138 N N7    . G   A 1 7 ? -3.365  11.613  -4.425  1.00 30.67 ? 7   G   A N7    1 
ATOM   139 C C5    . G   A 1 7 ? -4.259  10.773  -5.083  1.00 29.96 ? 7   G   A C5    1 
ATOM   140 C C6    . G   A 1 7 ? -5.336  10.023  -4.541  1.00 36.54 ? 7   G   A C6    1 
ATOM   141 O O6    . G   A 1 7 ? -5.639  9.933   -3.344  1.00 38.10 ? 7   G   A O6    1 
ATOM   142 N N1    . G   A 1 7 ? -6.057  9.330   -5.530  1.00 36.74 ? 7   G   A N1    1 
ATOM   143 C C2    . G   A 1 7 ? -5.721  9.385   -6.869  1.00 38.89 ? 7   G   A C2    1 
ATOM   144 N N2    . G   A 1 7 ? -6.502  8.681   -7.700  1.00 35.18 ? 7   G   A N2    1 
ATOM   145 N N3    . G   A 1 7 ? -4.706  10.115  -7.374  1.00 37.85 ? 7   G   A N3    1 
ATOM   146 C C4    . G   A 1 7 ? -3.991  10.767  -6.428  1.00 34.51 ? 7   G   A C4    1 
ATOM   147 P P     . C   A 1 8 ? -3.063  16.794  -8.456  1.00 50.01 ? 8   C   A P     1 
ATOM   148 O OP1   . C   A 1 8 ? -3.644  17.498  -9.630  1.00 56.36 ? 8   C   A OP1   1 
ATOM   149 O OP2   . C   A 1 8 ? -2.013  17.536  -7.709  1.00 53.30 ? 8   C   A OP2   1 
ATOM   150 O "O5'" . C   A 1 8 ? -4.158  16.323  -7.419  1.00 46.69 ? 8   C   A "O5'" 1 
ATOM   151 O "O5'" . G   B 1 1 ? -1.366  2.944   -12.121 1.00 48.96 ? 1   G   B "O5'" 1 
ATOM   152 C "C5'" . G   B 1 1 ? -0.491  2.431   -11.135 1.00 44.28 ? 1   G   B "C5'" 1 
ATOM   153 C "C4'" . G   B 1 1 ? 0.582   3.420   -10.778 1.00 42.82 ? 1   G   B "C4'" 1 
ATOM   154 O "O4'" . G   B 1 1 ? -0.002  4.591   -10.147 1.00 39.14 ? 1   G   B "O4'" 1 
ATOM   155 C "C3'" . G   B 1 1 ? 1.619   2.923   -9.790  1.00 33.99 ? 1   G   B "C3'" 1 
ATOM   156 O "O3'" . G   B 1 1 ? 2.630   2.186   -10.428 1.00 37.39 ? 1   G   B "O3'" 1 
ATOM   157 C "C2'" . G   B 1 1 ? 2.112   4.208   -9.136  1.00 37.54 ? 1   G   B "C2'" 1 
ATOM   158 O "O2'" . G   B 1 1 ? 3.044   4.872   -9.982  1.00 38.27 ? 1   G   B "O2'" 1 
ATOM   159 C "C1'" . G   B 1 1 ? 0.828   5.043   -9.093  1.00 39.37 ? 1   G   B "C1'" 1 
ATOM   160 N N9    . G   B 1 1 ? 0.084   4.864   -7.831  1.00 35.99 ? 1   G   B N9    1 
ATOM   161 C C8    . G   B 1 1 ? -1.098  4.163   -7.704  1.00 35.32 ? 1   G   B C8    1 
ATOM   162 N N7    . G   B 1 1 ? -1.585  4.115   -6.491  1.00 34.74 ? 1   G   B N7    1 
ATOM   163 C C5    . G   B 1 1 ? -0.697  4.893   -5.772  1.00 32.66 ? 1   G   B C5    1 
ATOM   164 C C6    . G   B 1 1 ? -0.707  5.186   -4.396  1.00 30.41 ? 1   G   B C6    1 
ATOM   165 O O6    . G   B 1 1 ? -1.555  4.839   -3.569  1.00 36.26 ? 1   G   B O6    1 
ATOM   166 N N1    . G   B 1 1 ? 0.409   5.960   -4.069  1.00 33.10 ? 1   G   B N1    1 
ATOM   167 C C2    . G   B 1 1 ? 1.405   6.386   -4.946  1.00 32.64 ? 1   G   B C2    1 
ATOM   168 N N2    . G   B 1 1 ? 2.425   7.152   -4.438  1.00 32.90 ? 1   G   B N2    1 
ATOM   169 N N3    . G   B 1 1 ? 1.416   6.108   -6.246  1.00 33.68 ? 1   G   B N3    1 
ATOM   170 C C4    . G   B 1 1 ? 0.353   5.360   -6.578  1.00 35.95 ? 1   G   B C4    1 
ATOM   171 P P     . C   B 1 2 ? 3.342   0.968   -9.679  1.00 41.44 ? 2   C   B P     1 
ATOM   172 O OP1   . C   B 1 2 ? 4.353   0.417   -10.625 1.00 41.93 ? 2   C   B OP1   1 
ATOM   173 O OP2   . C   B 1 2 ? 2.300   0.073   -9.152  1.00 38.98 ? 2   C   B OP2   1 
ATOM   174 O "O5'" . C   B 1 2 ? 4.082   1.681   -8.476  1.00 35.34 ? 2   C   B "O5'" 1 
ATOM   175 C "C5'" . C   B 1 2 ? 5.277   2.378   -8.715  1.00 33.24 ? 2   C   B "C5'" 1 
ATOM   176 C "C4'" . C   B 1 2 ? 5.853   2.889   -7.440  1.00 33.64 ? 2   C   B "C4'" 1 
ATOM   177 O "O4'" . C   B 1 2 ? 4.936   3.824   -6.843  1.00 31.36 ? 2   C   B "O4'" 1 
ATOM   178 C "C3'" . C   B 1 2 ? 6.073   1.852   -6.353  1.00 30.42 ? 2   C   B "C3'" 1 
ATOM   179 O "O3'" . C   B 1 2 ? 7.245   1.091   -6.563  1.00 33.61 ? 2   C   B "O3'" 1 
ATOM   180 C "C2'" . C   B 1 2 ? 6.111   2.724   -5.112  1.00 32.00 ? 2   C   B "C2'" 1 
ATOM   181 O "O2'" . C   B 1 2 ? 7.330   3.435   -5.044  1.00 32.98 ? 2   C   B "O2'" 1 
ATOM   182 C "C1'" . C   B 1 2 ? 5.007   3.737   -5.444  1.00 31.51 ? 2   C   B "C1'" 1 
ATOM   183 N N1    . C   B 1 2 ? 3.675   3.310   -4.939  1.00 32.24 ? 2   C   B N1    1 
ATOM   184 C C2    . C   B 1 2 ? 3.335   3.534   -3.606  1.00 28.33 ? 2   C   B C2    1 
ATOM   185 O O2    . C   B 1 2 ? 4.149   4.122   -2.885  1.00 33.79 ? 2   C   B O2    1 
ATOM   186 N N3    . C   B 1 2 ? 2.135   3.140   -3.178  1.00 30.57 ? 2   C   B N3    1 
ATOM   187 C C4    . C   B 1 2 ? 1.280   2.513   -3.990  1.00 31.13 ? 2   C   B C4    1 
ATOM   188 N N4    . C   B 1 2 ? 0.092   2.126   -3.494  1.00 33.58 ? 2   C   B N4    1 
ATOM   189 C C5    . C   B 1 2 ? 1.583   2.323   -5.352  1.00 30.94 ? 2   C   B C5    1 
ATOM   190 C C6    . C   B 1 2 ? 2.773   2.744   -5.772  1.00 30.99 ? 2   C   B C6    1 
ATOM   191 P P     . C   B 1 3 ? 7.343   -0.398  -6.004  1.00 34.96 ? 3   C   B P     1 
ATOM   192 O OP1   . C   B 1 3 ? 8.656   -0.951  -6.427  1.00 38.48 ? 3   C   B OP1   1 
ATOM   193 O OP2   . C   B 1 3 ? 6.140   -1.119  -6.395  1.00 32.82 ? 3   C   B OP2   1 
ATOM   194 O "O5'" . C   B 1 3 ? 7.300   -0.184  -4.418  1.00 33.21 ? 3   C   B "O5'" 1 
ATOM   195 C "C5'" . C   B 1 3 ? 8.413   0.305   -3.705  1.00 34.15 ? 3   C   B "C5'" 1 
ATOM   196 C "C4'" . C   B 1 3 ? 8.089   0.519   -2.239  1.00 33.07 ? 3   C   B "C4'" 1 
ATOM   197 O "O4'" . C   B 1 3 ? 6.966   1.434   -2.095  1.00 29.76 ? 3   C   B "O4'" 1 
ATOM   198 C "C3'" . C   B 1 3 ? 7.649   -0.700  -1.426  1.00 25.62 ? 3   C   B "C3'" 1 
ATOM   199 O "O3'" . C   B 1 3 ? 8.716   -1.578  -1.083  1.00 29.51 ? 3   C   B "O3'" 1 
ATOM   200 C "C2'" . C   B 1 3 ? 7.040   -0.001  -0.214  1.00 30.44 ? 3   C   B "C2'" 1 
ATOM   201 O "O2'" . C   B 1 3 ? 8.055   0.606   0.540   1.00 32.37 ? 3   C   B "O2'" 1 
ATOM   202 C "C1'" . C   B 1 3 ? 6.271   1.119   -0.888  1.00 30.05 ? 3   C   B "C1'" 1 
ATOM   203 N N1    . C   B 1 3 ? 4.884   0.719   -1.217  1.00 31.63 ? 3   C   B N1    1 
ATOM   204 C C2    . C   B 1 3 ? 3.954   0.753   -0.183  1.00 29.98 ? 3   C   B C2    1 
ATOM   205 O O2    . C   B 1 3 ? 4.316   1.119   0.927   1.00 30.87 ? 3   C   B O2    1 
ATOM   206 N N3    . C   B 1 3 ? 2.661   0.449   -0.417  1.00 31.94 ? 3   C   B N3    1 
ATOM   207 C C4    . C   B 1 3 ? 2.298   0.037   -1.623  1.00 31.22 ? 3   C   B C4    1 
ATOM   208 N N4    . C   B 1 3 ? 1.012   -0.276  -1.782  1.00 33.96 ? 3   C   B N4    1 
ATOM   209 C C5    . C   B 1 3 ? 3.232   -0.056  -2.696  1.00 29.29 ? 3   C   B C5    1 
ATOM   210 C C6    . C   B 1 3 ? 4.504   0.289   -2.464  1.00 33.21 ? 3   C   B C6    1 
ATOM   211 P P     . G   B 1 4 ? 8.477   -3.170  -0.967  1.00 30.70 ? 4   G   B P     1 
ATOM   212 O OP1   . G   B 1 4 ? 9.834   -3.800  -0.819  1.00 30.25 ? 4   G   B OP1   1 
ATOM   213 O OP2   . G   B 1 4 ? 7.617   -3.583  -2.104  1.00 30.15 ? 4   G   B OP2   1 
ATOM   214 O "O5'" . G   B 1 4 ? 7.665   -3.344  0.376   1.00 30.04 ? 4   G   B "O5'" 1 
ATOM   215 C "C5'" . G   B 1 4 ? 8.289   -3.078  1.625   1.00 29.87 ? 4   G   B "C5'" 1 
ATOM   216 C "C4'" . G   B 1 4 ? 7.285   -3.008  2.742   1.00 31.14 ? 4   G   B "C4'" 1 
ATOM   217 O "O4'" . G   B 1 4 ? 6.282   -2.023  2.452   1.00 31.66 ? 4   G   B "O4'" 1 
ATOM   218 C "C3'" . G   B 1 4 ? 6.480   -4.272  2.990   1.00 30.11 ? 4   G   B "C3'" 1 
ATOM   219 O "O3'" . G   B 1 4 ? 7.206   -5.240  3.708   1.00 29.90 ? 4   G   B "O3'" 1 
ATOM   220 C "C2'" . G   B 1 4 ? 5.298   -3.725  3.762   1.00 32.36 ? 4   G   B "C2'" 1 
ATOM   221 O "O2'" . G   B 1 4 ? 5.698   -3.380  5.079   1.00 31.53 ? 4   G   B "O2'" 1 
ATOM   222 C "C1'" . G   B 1 4 ? 5.053   -2.418  3.015   1.00 31.31 ? 4   G   B "C1'" 1 
ATOM   223 N N9    . G   B 1 4 ? 4.066   -2.575  1.943   1.00 29.12 ? 4   G   B N9    1 
ATOM   224 C C8    . G   B 1 4 ? 4.255   -2.700  0.575   1.00 31.39 ? 4   G   B C8    1 
ATOM   225 N N7    . G   B 1 4 ? 3.101   -2.830  -0.046  1.00 32.91 ? 4   G   B N7    1 
ATOM   226 C C5    . G   B 1 4 ? 2.123   -2.783  0.978   1.00 26.56 ? 4   G   B C5    1 
ATOM   227 C C6    . G   B 1 4 ? 0.704   -2.859  0.936   1.00 33.17 ? 4   G   B C6    1 
ATOM   228 O O6    . G   B 1 4 ? -0.046  -2.977  -0.033  1.00 35.84 ? 4   G   B O6    1 
ATOM   229 N N1    . G   B 1 4 ? 0.123   -2.793  2.182   1.00 33.34 ? 4   G   B N1    1 
ATOM   230 C C2    . G   B 1 4 ? 0.845   -2.684  3.342   1.00 34.51 ? 4   G   B C2    1 
ATOM   231 N N2    . G   B 1 4 ? 0.075   -2.673  4.457   1.00 38.51 ? 4   G   B N2    1 
ATOM   232 N N3    . G   B 1 4 ? 2.181   -2.586  3.402   1.00 30.43 ? 4   G   B N3    1 
ATOM   233 C C4    . G   B 1 4 ? 2.725   -2.626  2.183   1.00 29.10 ? 4   G   B C4    1 
ATOM   234 P P     . C   B 1 5 ? 6.885   -6.829  3.539   1.00 35.23 ? 5   C   B P     1 
ATOM   235 O OP1   . C   B 1 5 ? 7.964   -7.567  4.241   1.00 41.14 ? 5   C   B OP1   1 
ATOM   236 O OP2   . C   B 1 5 ? 6.685   -7.056  2.083   1.00 34.87 ? 5   C   B OP2   1 
ATOM   237 O "O5'" . C   B 1 5 ? 5.494   -7.014  4.292   1.00 34.89 ? 5   C   B "O5'" 1 
ATOM   238 C "C5'" . C   B 1 5 ? 5.373   -6.785  5.684   1.00 36.95 ? 5   C   B "C5'" 1 
ATOM   239 C "C4'" . C   B 1 5 ? 3.932   -6.807  6.127   1.00 36.86 ? 5   C   B "C4'" 1 
ATOM   240 O "O4'" . C   B 1 5 ? 3.183   -5.758  5.463   1.00 37.31 ? 5   C   B "O4'" 1 
ATOM   241 C "C3'" . C   B 1 5 ? 3.137   -8.058  5.796   1.00 41.21 ? 5   C   B "C3'" 1 
ATOM   242 O "O3'" . C   B 1 5 ? 3.421   -9.140  6.652   1.00 44.85 ? 5   C   B "O3'" 1 
ATOM   243 C "C2'" . C   B 1 5 ? 1.709   -7.562  5.902   1.00 41.92 ? 5   C   B "C2'" 1 
ATOM   244 O "O2'" . C   B 1 5 ? 1.346   -7.387  7.267   1.00 44.60 ? 5   C   B "O2'" 1 
ATOM   245 C "C1'" . C   B 1 5 ? 1.848   -6.185  5.264   1.00 40.02 ? 5   C   B "C1'" 1 
ATOM   246 N N1    . C   B 1 5 ? 1.590   -6.230  3.827   1.00 39.09 ? 5   C   B N1    1 
ATOM   247 C C2    . C   B 1 5 ? 0.267   -6.264  3.405   1.00 36.94 ? 5   C   B C2    1 
ATOM   248 O O2    . C   B 1 5 ? -0.654  -6.288  4.237   1.00 40.34 ? 5   C   B O2    1 
ATOM   249 N N3    . C   B 1 5 ? 0.015   -6.295  2.087   1.00 33.08 ? 5   C   B N3    1 
ATOM   250 C C4    . C   B 1 5 ? 1.011   -6.286  1.214   1.00 34.47 ? 5   C   B C4    1 
ATOM   251 N N4    . C   B 1 5 ? 0.666   -6.298  -0.074  1.00 39.93 ? 5   C   B N4    1 
ATOM   252 C C5    . C   B 1 5 ? 2.375   -6.250  1.627   1.00 32.36 ? 5   C   B C5    1 
ATOM   253 C C6    . C   B 1 5 ? 2.616   -6.236  2.943   1.00 34.55 ? 5   C   B C6    1 
ATOM   254 P P     . C   B 1 6 ? 3.354   -10.643 6.081   1.00 44.24 ? 6   C   B P     1 
ATOM   255 O OP1   . C   B 1 6 ? 3.909   -11.535 7.134   1.00 52.68 ? 6   C   B OP1   1 
ATOM   256 O OP2   . C   B 1 6 ? 4.006   -10.640 4.747   1.00 43.88 ? 6   C   B OP2   1 
ATOM   257 O "O5'" . C   B 1 6 ? 1.782   -10.893 5.908   1.00 41.54 ? 6   C   B "O5'" 1 
ATOM   258 C "C5'" . C   B 1 6 ? 0.880   -10.787 7.010   1.00 45.17 ? 6   C   B "C5'" 1 
ATOM   259 C "C4'" . C   B 1 6 ? -0.578  -10.920 6.578   1.00 47.94 ? 6   C   B "C4'" 1 
ATOM   260 O "O4'" . C   B 1 6 ? -0.962  -9.789  5.750   1.00 45.97 ? 6   C   B "O4'" 1 
ATOM   261 C "C3'" . C   B 1 6 ? -0.942  -12.141 5.727   1.00 46.11 ? 6   C   B "C3'" 1 
ATOM   262 O "O3'" . C   B 1 6 ? -1.164  -13.311 6.482   1.00 50.59 ? 6   C   B "O3'" 1 
ATOM   263 C "C2'" . C   B 1 6 ? -2.186  -11.679 4.990   1.00 44.80 ? 6   C   B "C2'" 1 
ATOM   264 O "O2'" . C   B 1 6 ? -3.327  -11.735 5.837   1.00 49.55 ? 6   C   B "O2'" 1 
ATOM   265 C "C1'" . C   B 1 6 ? -1.853  -10.221 4.731   1.00 46.65 ? 6   C   B "C1'" 1 
ATOM   266 N N1    . C   B 1 6 ? -1.209  -10.036 3.411   1.00 42.25 ? 6   C   B N1    1 
ATOM   267 C C2    . C   B 1 6 ? -2.079  -9.891  2.328   1.00 36.40 ? 6   C   B C2    1 
ATOM   268 O O2    . C   B 1 6 ? -3.287  -9.958  2.571   1.00 36.69 ? 6   C   B O2    1 
ATOM   269 N N3    . C   B 1 6 ? -1.559  -9.715  1.089   1.00 34.41 ? 6   C   B N3    1 
ATOM   270 C C4    . C   B 1 6 ? -0.235  -9.670  0.929   1.00 35.23 ? 6   C   B C4    1 
ATOM   271 N N4    . C   B 1 6 ? 0.264   -9.510  -0.314  1.00 38.06 ? 6   C   B N4    1 
ATOM   272 C C5    . C   B 1 6 ? 0.671   -9.789  2.021   1.00 37.60 ? 6   C   B C5    1 
ATOM   273 C C6    . C   B 1 6 ? 0.146   -9.998  3.234   1.00 39.27 ? 6   C   B C6    1 
ATOM   274 P P     . G   B 1 7 ? -1.179  -14.760 5.763   1.00 51.13 ? 7   G   B P     1 
ATOM   275 O OP1   . G   B 1 7 ? -1.492  -15.756 6.824   1.00 52.38 ? 7   G   B OP1   1 
ATOM   276 O OP2   . G   B 1 7 ? 0.098   -14.894 5.016   1.00 52.01 ? 7   G   B OP2   1 
ATOM   277 O "O5'" . G   B 1 7 ? -2.395  -14.677 4.745   1.00 45.40 ? 7   G   B "O5'" 1 
ATOM   278 C "C5'" . G   B 1 7 ? -3.727  -14.950 5.171   1.00 48.34 ? 7   G   B "C5'" 1 
ATOM   279 C "C4'" . G   B 1 7 ? -4.675  -15.012 4.002   1.00 47.46 ? 7   G   B "C4'" 1 
ATOM   280 O "O4'" . G   B 1 7 ? -4.599  -13.771 3.262   1.00 47.34 ? 7   G   B "O4'" 1 
ATOM   281 C "C3'" . G   B 1 7 ? -4.363  -16.073 2.958   1.00 48.04 ? 7   G   B "C3'" 1 
ATOM   282 O "O3'" . G   B 1 7 ? -4.848  -17.353 3.299   1.00 48.87 ? 7   G   B "O3'" 1 
ATOM   283 C "C2'" . G   B 1 7 ? -4.999  -15.512 1.697   1.00 46.34 ? 7   G   B "C2'" 1 
ATOM   284 O "O2'" . G   B 1 7 ? -6.394  -15.765 1.695   1.00 50.58 ? 7   G   B "O2'" 1 
ATOM   285 C "C1'" . G   B 1 7 ? -4.767  -14.015 1.881   1.00 42.71 ? 7   G   B "C1'" 1 
ATOM   286 N N9    . G   B 1 7 ? -3.562  -13.545 1.166   1.00 39.47 ? 7   G   B N9    1 
ATOM   287 C C8    . G   B 1 7 ? -2.274  -13.369 1.615   1.00 39.44 ? 7   G   B C8    1 
ATOM   288 N N7    . G   B 1 7 ? -1.443  -12.959 0.684   1.00 40.14 ? 7   G   B N7    1 
ATOM   289 C C5    . G   B 1 7 ? -2.223  -12.855 -0.453  1.00 36.39 ? 7   G   B C5    1 
ATOM   290 C C6    . G   B 1 7 ? -1.912  -12.445 -1.770  1.00 36.97 ? 7   G   B C6    1 
ATOM   291 O O6    . G   B 1 7 ? -0.811  -12.087 -2.195  1.00 37.59 ? 7   G   B O6    1 
ATOM   292 N N1    . G   B 1 7 ? -3.040  -12.527 -2.596  1.00 32.52 ? 7   G   B N1    1 
ATOM   293 C C2    . G   B 1 7 ? -4.319  -12.918 -2.194  1.00 33.47 ? 7   G   B C2    1 
ATOM   294 N N2    . G   B 1 7 ? -5.316  -12.973 -3.101  1.00 35.71 ? 7   G   B N2    1 
ATOM   295 N N3    . G   B 1 7 ? -4.602  -13.271 -0.962  1.00 35.95 ? 7   G   B N3    1 
ATOM   296 C C4    . G   B 1 7 ? -3.527  -13.221 -0.178  1.00 36.37 ? 7   G   B C4    1 
ATOM   297 P P     . C   B 1 8 ? -4.221  -18.650 2.582   1.00 52.90 ? 8   C   B P     1 
ATOM   298 O OP1   . C   B 1 8 ? -4.452  -18.515 1.117   1.00 51.15 ? 8   C   B OP1   1 
ATOM   299 O OP2   . C   B 1 8 ? -4.790  -19.853 3.237   1.00 56.75 ? 8   C   B OP2   1 
ATOM   300 O "O5'" . C   B 1 8 ? -2.654  -18.506 2.867   1.00 52.83 ? 8   C   B "O5'" 1 
HETATM 301 O O     . HOH C 2 . ? 4.029   14.463  -6.165  1.00 34.50 ? 101 HOH A O     1 
HETATM 302 O O     . HOH C 2 . ? -5.049  -5.602  -3.633  1.00 41.24 ? 102 HOH A O     1 
HETATM 303 O O     . HOH C 2 . ? 0.122   -5.323  -5.511  1.00 41.51 ? 103 HOH A O     1 
HETATM 304 O O     . HOH C 2 . ? -2.197  -4.847  -5.299  1.00 39.23 ? 104 HOH A O     1 
HETATM 305 O O     . HOH C 2 . ? 4.442   15.928  0.165   0.61 36.22 ? 105 HOH A O     1 
HETATM 306 O O     . HOH C 2 . ? 5.669   12.672  0.357   0.33 32.68 ? 106 HOH A O     1 
HETATM 307 O O     . HOH C 2 . ? 2.359   -1.402  6.407   1.00 42.26 ? 107 HOH A O     1 
HETATM 308 O O     . HOH C 2 . ? -7.312  -2.242  -1.701  1.00 45.75 ? 108 HOH A O     1 
HETATM 309 O O     . HOH C 2 . ? -5.056  -2.384  -2.409  1.00 46.36 ? 109 HOH A O     1 
HETATM 310 O O     . HOH D 2 . ? 2.966   -6.467  -1.764  1.00 38.89 ? 101 HOH B O     1 
HETATM 311 O O     . HOH D 2 . ? 1.451   -12.876 0.185   1.00 40.96 ? 102 HOH B O     1 
HETATM 312 O O     . HOH D 2 . ? 7.825   -3.843  6.888   1.00 39.16 ? 103 HOH B O     1 
HETATM 313 O O     . HOH D 2 . ? 5.761   -3.294  -3.752  1.00 41.15 ? 104 HOH B O     1 
HETATM 314 O O     . HOH D 2 . ? 10.537  -0.253  1.133   0.33 31.56 ? 105 HOH B O     1 
HETATM 315 O O     . HOH D 2 . ? 11.805  -3.619  1.335   0.33 30.28 ? 106 HOH B O     1 
HETATM 316 O O     . HOH D 2 . ? 2.107   -13.191 2.789   1.00 49.12 ? 107 HOH B O     1 
# 
loop_
_pdbx_poly_seq_scheme.asym_id 
_pdbx_poly_seq_scheme.entity_id 
_pdbx_poly_seq_scheme.seq_id 
_pdbx_poly_seq_scheme.mon_id 
_pdbx_poly_seq_scheme.ndb_seq_num 
_pdbx_poly_seq_scheme.pdb_seq_num 
_pdbx_poly_seq_scheme.auth_seq_num 
_pdbx_poly_seq_scheme.pdb_mon_id 
_pdbx_poly_seq_scheme.auth_mon_id 
_pdbx_poly_seq_scheme.pdb_strand_id 
_pdbx_poly_seq_scheme.pdb_ins_code 
_pdbx_poly_seq_scheme.hetero 
A 1 1 G 1 1 1 G G A . n 
A 1 2 C 2 2 2 C C A . n 
A 1 3 C 3 3 3 C C A . n 
A 1 4 G 4 4 4 G G A . n 
A 1 5 C 5 5 5 C C A . n 
A 1 6 C 6 6 6 C C A . n 
A 1 7 G 7 7 7 G G A . n 
A 1 8 C 8 8 8 C C A . n 
B 1 1 G 1 1 1 G G B . n 
B 1 2 C 2 2 2 C C B . n 
B 1 3 C 3 3 3 C C B . n 
B 1 4 G 4 4 4 G G B . n 
B 1 5 C 5 5 5 C C B . n 
B 1 6 C 6 6 6 C C B . n 
B 1 7 G 7 7 7 G G B . n 
B 1 8 C 8 8 8 C C B . n 
# 
loop_
_pdbx_nonpoly_scheme.asym_id 
_pdbx_nonpoly_scheme.entity_id 
_pdbx_nonpoly_scheme.mon_id 
_pdbx_nonpoly_scheme.ndb_seq_num 
_pdbx_nonpoly_scheme.pdb_seq_num 
_pdbx_nonpoly_scheme.auth_seq_num 
_pdbx_nonpoly_scheme.pdb_mon_id 
_pdbx_nonpoly_scheme.auth_mon_id 
_pdbx_nonpoly_scheme.pdb_strand_id 
_pdbx_nonpoly_scheme.pdb_ins_code 
C 2 HOH 1 101 8  HOH HOH A . 
C 2 HOH 2 102 10 HOH HOH A . 
C 2 HOH 3 103 11 HOH HOH A . 
C 2 HOH 4 104 12 HOH HOH A . 
C 2 HOH 5 105 18 HOH HOH A . 
C 2 HOH 6 106 19 HOH HOH A . 
C 2 HOH 7 107 21 HOH HOH A . 
C 2 HOH 8 108 22 HOH HOH A . 
C 2 HOH 9 109 23 HOH HOH A . 
D 2 HOH 1 101 1  HOH HOH B . 
D 2 HOH 2 102 2  HOH HOH B . 
D 2 HOH 3 103 3  HOH HOH B . 
D 2 HOH 4 104 6  HOH HOH B . 
D 2 HOH 5 105 9  HOH HOH B . 
D 2 HOH 6 106 13 HOH HOH B . 
D 2 HOH 7 107 14 HOH HOH B . 
# 
loop_
_pdbx_struct_assembly.id 
_pdbx_struct_assembly.details 
_pdbx_struct_assembly.method_details 
_pdbx_struct_assembly.oligomeric_details 
_pdbx_struct_assembly.oligomeric_count 
1 author_and_software_defined_assembly PISA dimeric   2 
2 software_defined_assembly            PISA hexameric 6 
# 
loop_
_pdbx_struct_assembly_gen.assembly_id 
_pdbx_struct_assembly_gen.oper_expression 
_pdbx_struct_assembly_gen.asym_id_list 
1 1     A,B,C,D 
2 1,2,3 A,B,C,D 
# 
loop_
_pdbx_struct_assembly_prop.biol_id 
_pdbx_struct_assembly_prop.type 
_pdbx_struct_assembly_prop.value 
_pdbx_struct_assembly_prop.details 
1 'ABSA (A^2)' 570  ? 
1 MORE         -4   ? 
1 'SSA (A^2)'  3060 ? 
2 'ABSA (A^2)' 3640 ? 
2 MORE         -46  ? 
2 'SSA (A^2)'  7280 ? 
# 
loop_
_pdbx_struct_oper_list.id 
_pdbx_struct_oper_list.type 
_pdbx_struct_oper_list.name 
_pdbx_struct_oper_list.symmetry_operation 
_pdbx_struct_oper_list.matrix[1][1] 
_pdbx_struct_oper_list.matrix[1][2] 
_pdbx_struct_oper_list.matrix[1][3] 
_pdbx_struct_oper_list.vector[1] 
_pdbx_struct_oper_list.matrix[2][1] 
_pdbx_struct_oper_list.matrix[2][2] 
_pdbx_struct_oper_list.matrix[2][3] 
_pdbx_struct_oper_list.vector[2] 
_pdbx_struct_oper_list.matrix[3][1] 
_pdbx_struct_oper_list.matrix[3][2] 
_pdbx_struct_oper_list.matrix[3][3] 
_pdbx_struct_oper_list.vector[3] 
1 'identity operation'         1_555 x,y,z     1.0000000000  0.0000000000  0.0000000000  0.0000000000  0.0000000000  1.0000000000 0.0000000000  0.0000000000 0.0000000000  0.0000000000  1.0000000000  0.0000000000  
2 'crystal symmetry operation' 2_555 -y,x-y,z  -0.3142163287 -0.5417969598 -0.7795666444 14.5938551968 -0.4446791753 0.8095003966 -0.3833660639 5.0716367013 0.8387660758  0.2261971754  -0.4952840680 -7.0870853495 
3 'crystal symmetry operation' 3_555 -x+y,-x,z -0.3142163287 -0.4446791753 0.8387660758  12.7852855939 -0.5417969598 0.8095003966 0.2261971754  5.4044931444 -0.7795666444 -0.3833660639 -0.4952840680 9.8110556629 
# 
loop_
_pdbx_struct_special_symmetry.id 
_pdbx_struct_special_symmetry.PDB_model_num 
_pdbx_struct_special_symmetry.auth_asym_id 
_pdbx_struct_special_symmetry.auth_comp_id 
_pdbx_struct_special_symmetry.auth_seq_id 
_pdbx_struct_special_symmetry.PDB_ins_code 
_pdbx_struct_special_symmetry.label_asym_id 
_pdbx_struct_special_symmetry.label_comp_id 
_pdbx_struct_special_symmetry.label_seq_id 
1 1 A HOH 105 ? C HOH . 
2 1 A HOH 106 ? C HOH . 
3 1 B HOH 105 ? D HOH . 
4 1 B HOH 106 ? D HOH . 
# 
loop_
_pdbx_audit_revision_history.ordinal 
_pdbx_audit_revision_history.data_content_type 
_pdbx_audit_revision_history.major_revision 
_pdbx_audit_revision_history.minor_revision 
_pdbx_audit_revision_history.revision_date 
1 'Structure model' 1 0 2012-12-12 
2 'Structure model' 1 1 2017-11-15 
3 'Structure model' 1 2 2023-09-13 
# 
_pdbx_audit_revision_details.ordinal             1 
_pdbx_audit_revision_details.revision_ordinal    1 
_pdbx_audit_revision_details.data_content_type   'Structure model' 
_pdbx_audit_revision_details.provider            repository 
_pdbx_audit_revision_details.type                'Initial release' 
_pdbx_audit_revision_details.description         ? 
_pdbx_audit_revision_details.details             ? 
# 
loop_
_pdbx_audit_revision_group.ordinal 
_pdbx_audit_revision_group.revision_ordinal 
_pdbx_audit_revision_group.data_content_type 
_pdbx_audit_revision_group.group 
1 2 'Structure model' 'Refinement description' 
2 2 'Structure model' 'Source and taxonomy'    
3 3 'Structure model' 'Data collection'        
4 3 'Structure model' 'Database references'    
5 3 'Structure model' 'Refinement description' 
# 
loop_
_pdbx_audit_revision_category.ordinal 
_pdbx_audit_revision_category.revision_ordinal 
_pdbx_audit_revision_category.data_content_type 
_pdbx_audit_revision_category.category 
1 2 'Structure model' pdbx_entity_src_syn           
2 2 'Structure model' software                      
3 3 'Structure model' chem_comp_atom                
4 3 'Structure model' chem_comp_bond                
5 3 'Structure model' database_2                    
6 3 'Structure model' pdbx_initial_refinement_model 
# 
loop_
_pdbx_audit_revision_item.ordinal 
_pdbx_audit_revision_item.revision_ordinal 
_pdbx_audit_revision_item.data_content_type 
_pdbx_audit_revision_item.item 
1 2 'Structure model' '_pdbx_entity_src_syn.ncbi_taxonomy_id'    
2 2 'Structure model' '_pdbx_entity_src_syn.organism_scientific' 
3 2 'Structure model' '_software.name'                           
4 3 'Structure model' '_database_2.pdbx_DOI'                     
5 3 'Structure model' '_database_2.pdbx_database_accession'      
# 
loop_
_software.name 
_software.classification 
_software.version 
_software.citation_id 
_software.pdbx_ordinal 
MAR345   'data collection' .                          ? 1 
PHASER   phasing           .                          ? 2 
PHENIX   refinement        '(phenix.refine: 1.7_650)' ? 3 
HKL-2000 'data reduction'  .                          ? 4 
HKL-2000 'data scaling'    .                          ? 5 
# 
loop_
_pdbx_validate_rmsd_angle.id 
_pdbx_validate_rmsd_angle.PDB_model_num 
_pdbx_validate_rmsd_angle.auth_atom_id_1 
_pdbx_validate_rmsd_angle.auth_asym_id_1 
_pdbx_validate_rmsd_angle.auth_comp_id_1 
_pdbx_validate_rmsd_angle.auth_seq_id_1 
_pdbx_validate_rmsd_angle.PDB_ins_code_1 
_pdbx_validate_rmsd_angle.label_alt_id_1 
_pdbx_validate_rmsd_angle.auth_atom_id_2 
_pdbx_validate_rmsd_angle.auth_asym_id_2 
_pdbx_validate_rmsd_angle.auth_comp_id_2 
_pdbx_validate_rmsd_angle.auth_seq_id_2 
_pdbx_validate_rmsd_angle.PDB_ins_code_2 
_pdbx_validate_rmsd_angle.label_alt_id_2 
_pdbx_validate_rmsd_angle.auth_atom_id_3 
_pdbx_validate_rmsd_angle.auth_asym_id_3 
_pdbx_validate_rmsd_angle.auth_comp_id_3 
_pdbx_validate_rmsd_angle.auth_seq_id_3 
_pdbx_validate_rmsd_angle.PDB_ins_code_3 
_pdbx_validate_rmsd_angle.label_alt_id_3 
_pdbx_validate_rmsd_angle.angle_value 
_pdbx_validate_rmsd_angle.angle_target_value 
_pdbx_validate_rmsd_angle.angle_deviation 
_pdbx_validate_rmsd_angle.angle_standard_deviation 
_pdbx_validate_rmsd_angle.linker_flag 
1 1 C6 A C 6 ? ? N1 A C 6 ? ? C2 A C 6 ? ? 116.59 120.30 -3.71 0.40 N 
2 1 N3 A C 6 ? ? C2 A C 6 ? ? O2 A C 6 ? ? 117.61 121.90 -4.29 0.70 N 
# 
loop_
_pdbx_unobs_or_zero_occ_atoms.id 
_pdbx_unobs_or_zero_occ_atoms.PDB_model_num 
_pdbx_unobs_or_zero_occ_atoms.polymer_flag 
_pdbx_unobs_or_zero_occ_atoms.occupancy_flag 
_pdbx_unobs_or_zero_occ_atoms.auth_asym_id 
_pdbx_unobs_or_zero_occ_atoms.auth_comp_id 
_pdbx_unobs_or_zero_occ_atoms.auth_seq_id 
_pdbx_unobs_or_zero_occ_atoms.PDB_ins_code 
_pdbx_unobs_or_zero_occ_atoms.auth_atom_id 
_pdbx_unobs_or_zero_occ_atoms.label_alt_id 
_pdbx_unobs_or_zero_occ_atoms.label_asym_id 
_pdbx_unobs_or_zero_occ_atoms.label_comp_id 
_pdbx_unobs_or_zero_occ_atoms.label_seq_id 
_pdbx_unobs_or_zero_occ_atoms.label_atom_id 
1  1 Y 1 A C 8 ? "C5'" ? A C 8 "C5'" 
2  1 Y 1 A C 8 ? "C4'" ? A C 8 "C4'" 
3  1 Y 1 A C 8 ? "O4'" ? A C 8 "O4'" 
4  1 Y 1 A C 8 ? "C3'" ? A C 8 "C3'" 
5  1 Y 1 A C 8 ? "O3'" ? A C 8 "O3'" 
6  1 Y 1 A C 8 ? "C2'" ? A C 8 "C2'" 
7  1 Y 1 A C 8 ? "O2'" ? A C 8 "O2'" 
8  1 Y 1 A C 8 ? "C1'" ? A C 8 "C1'" 
9  1 Y 1 A C 8 ? N1    ? A C 8 N1    
10 1 Y 1 A C 8 ? C2    ? A C 8 C2    
11 1 Y 1 A C 8 ? O2    ? A C 8 O2    
12 1 Y 1 A C 8 ? N3    ? A C 8 N3    
13 1 Y 1 A C 8 ? C4    ? A C 8 C4    
14 1 Y 1 A C 8 ? N4    ? A C 8 N4    
15 1 Y 1 A C 8 ? C5    ? A C 8 C5    
16 1 Y 1 A C 8 ? C6    ? A C 8 C6    
17 1 Y 1 B C 8 ? "C5'" ? B C 8 "C5'" 
18 1 Y 1 B C 8 ? "C4'" ? B C 8 "C4'" 
19 1 Y 1 B C 8 ? "O4'" ? B C 8 "O4'" 
20 1 Y 1 B C 8 ? "C3'" ? B C 8 "C3'" 
21 1 Y 1 B C 8 ? "O3'" ? B C 8 "O3'" 
22 1 Y 1 B C 8 ? "C2'" ? B C 8 "C2'" 
23 1 Y 1 B C 8 ? "O2'" ? B C 8 "O2'" 
24 1 Y 1 B C 8 ? "C1'" ? B C 8 "C1'" 
25 1 Y 1 B C 8 ? N1    ? B C 8 N1    
26 1 Y 1 B C 8 ? C2    ? B C 8 C2    
27 1 Y 1 B C 8 ? O2    ? B C 8 O2    
28 1 Y 1 B C 8 ? N3    ? B C 8 N3    
29 1 Y 1 B C 8 ? C4    ? B C 8 C4    
30 1 Y 1 B C 8 ? N4    ? B C 8 N4    
31 1 Y 1 B C 8 ? C5    ? B C 8 C5    
32 1 Y 1 B C 8 ? C6    ? B C 8 C6    
# 
loop_
_chem_comp_atom.comp_id 
_chem_comp_atom.atom_id 
_chem_comp_atom.type_symbol 
_chem_comp_atom.pdbx_aromatic_flag 
_chem_comp_atom.pdbx_stereo_config 
_chem_comp_atom.pdbx_ordinal 
C   OP3    O N N 1  
C   P      P N N 2  
C   OP1    O N N 3  
C   OP2    O N N 4  
C   "O5'"  O N N 5  
C   "C5'"  C N N 6  
C   "C4'"  C N R 7  
C   "O4'"  O N N 8  
C   "C3'"  C N S 9  
C   "O3'"  O N N 10 
C   "C2'"  C N R 11 
C   "O2'"  O N N 12 
C   "C1'"  C N R 13 
C   N1     N N N 14 
C   C2     C N N 15 
C   O2     O N N 16 
C   N3     N N N 17 
C   C4     C N N 18 
C   N4     N N N 19 
C   C5     C N N 20 
C   C6     C N N 21 
C   HOP3   H N N 22 
C   HOP2   H N N 23 
C   "H5'"  H N N 24 
C   "H5''" H N N 25 
C   "H4'"  H N N 26 
C   "H3'"  H N N 27 
C   "HO3'" H N N 28 
C   "H2'"  H N N 29 
C   "HO2'" H N N 30 
C   "H1'"  H N N 31 
C   H41    H N N 32 
C   H42    H N N 33 
C   H5     H N N 34 
C   H6     H N N 35 
G   OP3    O N N 36 
G   P      P N N 37 
G   OP1    O N N 38 
G   OP2    O N N 39 
G   "O5'"  O N N 40 
G   "C5'"  C N N 41 
G   "C4'"  C N R 42 
G   "O4'"  O N N 43 
G   "C3'"  C N S 44 
G   "O3'"  O N N 45 
G   "C2'"  C N R 46 
G   "O2'"  O N N 47 
G   "C1'"  C N R 48 
G   N9     N Y N 49 
G   C8     C Y N 50 
G   N7     N Y N 51 
G   C5     C Y N 52 
G   C6     C N N 53 
G   O6     O N N 54 
G   N1     N N N 55 
G   C2     C N N 56 
G   N2     N N N 57 
G   N3     N N N 58 
G   C4     C Y N 59 
G   HOP3   H N N 60 
G   HOP2   H N N 61 
G   "H5'"  H N N 62 
G   "H5''" H N N 63 
G   "H4'"  H N N 64 
G   "H3'"  H N N 65 
G   "HO3'" H N N 66 
G   "H2'"  H N N 67 
G   "HO2'" H N N 68 
G   "H1'"  H N N 69 
G   H8     H N N 70 
G   H1     H N N 71 
G   H21    H N N 72 
G   H22    H N N 73 
HOH O      O N N 74 
HOH H1     H N N 75 
HOH H2     H N N 76 
# 
loop_
_chem_comp_bond.comp_id 
_chem_comp_bond.atom_id_1 
_chem_comp_bond.atom_id_2 
_chem_comp_bond.value_order 
_chem_comp_bond.pdbx_aromatic_flag 
_chem_comp_bond.pdbx_stereo_config 
_chem_comp_bond.pdbx_ordinal 
C   OP3   P      sing N N 1  
C   OP3   HOP3   sing N N 2  
C   P     OP1    doub N N 3  
C   P     OP2    sing N N 4  
C   P     "O5'"  sing N N 5  
C   OP2   HOP2   sing N N 6  
C   "O5'" "C5'"  sing N N 7  
C   "C5'" "C4'"  sing N N 8  
C   "C5'" "H5'"  sing N N 9  
C   "C5'" "H5''" sing N N 10 
C   "C4'" "O4'"  sing N N 11 
C   "C4'" "C3'"  sing N N 12 
C   "C4'" "H4'"  sing N N 13 
C   "O4'" "C1'"  sing N N 14 
C   "C3'" "O3'"  sing N N 15 
C   "C3'" "C2'"  sing N N 16 
C   "C3'" "H3'"  sing N N 17 
C   "O3'" "HO3'" sing N N 18 
C   "C2'" "O2'"  sing N N 19 
C   "C2'" "C1'"  sing N N 20 
C   "C2'" "H2'"  sing N N 21 
C   "O2'" "HO2'" sing N N 22 
C   "C1'" N1     sing N N 23 
C   "C1'" "H1'"  sing N N 24 
C   N1    C2     sing N N 25 
C   N1    C6     sing N N 26 
C   C2    O2     doub N N 27 
C   C2    N3     sing N N 28 
C   N3    C4     doub N N 29 
C   C4    N4     sing N N 30 
C   C4    C5     sing N N 31 
C   N4    H41    sing N N 32 
C   N4    H42    sing N N 33 
C   C5    C6     doub N N 34 
C   C5    H5     sing N N 35 
C   C6    H6     sing N N 36 
G   OP3   P      sing N N 37 
G   OP3   HOP3   sing N N 38 
G   P     OP1    doub N N 39 
G   P     OP2    sing N N 40 
G   P     "O5'"  sing N N 41 
G   OP2   HOP2   sing N N 42 
G   "O5'" "C5'"  sing N N 43 
G   "C5'" "C4'"  sing N N 44 
G   "C5'" "H5'"  sing N N 45 
G   "C5'" "H5''" sing N N 46 
G   "C4'" "O4'"  sing N N 47 
G   "C4'" "C3'"  sing N N 48 
G   "C4'" "H4'"  sing N N 49 
G   "O4'" "C1'"  sing N N 50 
G   "C3'" "O3'"  sing N N 51 
G   "C3'" "C2'"  sing N N 52 
G   "C3'" "H3'"  sing N N 53 
G   "O3'" "HO3'" sing N N 54 
G   "C2'" "O2'"  sing N N 55 
G   "C2'" "C1'"  sing N N 56 
G   "C2'" "H2'"  sing N N 57 
G   "O2'" "HO2'" sing N N 58 
G   "C1'" N9     sing N N 59 
G   "C1'" "H1'"  sing N N 60 
G   N9    C8     sing Y N 61 
G   N9    C4     sing Y N 62 
G   C8    N7     doub Y N 63 
G   C8    H8     sing N N 64 
G   N7    C5     sing Y N 65 
G   C5    C6     sing N N 66 
G   C5    C4     doub Y N 67 
G   C6    O6     doub N N 68 
G   C6    N1     sing N N 69 
G   N1    C2     sing N N 70 
G   N1    H1     sing N N 71 
G   C2    N2     sing N N 72 
G   C2    N3     doub N N 73 
G   N2    H21    sing N N 74 
G   N2    H22    sing N N 75 
G   N3    C4     sing N N 76 
HOH O     H1     sing N N 77 
HOH O     H2     sing N N 78 
# 
loop_
_ndb_struct_conf_na.entry_id 
_ndb_struct_conf_na.feature 
4E59 'double helix'         
4E59 'mismatched base pair' 
# 
loop_
_ndb_struct_na_base_pair.model_number 
_ndb_struct_na_base_pair.i_label_asym_id 
_ndb_struct_na_base_pair.i_label_comp_id 
_ndb_struct_na_base_pair.i_label_seq_id 
_ndb_struct_na_base_pair.i_symmetry 
_ndb_struct_na_base_pair.j_label_asym_id 
_ndb_struct_na_base_pair.j_label_comp_id 
_ndb_struct_na_base_pair.j_label_seq_id 
_ndb_struct_na_base_pair.j_symmetry 
_ndb_struct_na_base_pair.shear 
_ndb_struct_na_base_pair.stretch 
_ndb_struct_na_base_pair.stagger 
_ndb_struct_na_base_pair.buckle 
_ndb_struct_na_base_pair.propeller 
_ndb_struct_na_base_pair.opening 
_ndb_struct_na_base_pair.pair_number 
_ndb_struct_na_base_pair.pair_name 
_ndb_struct_na_base_pair.i_auth_asym_id 
_ndb_struct_na_base_pair.i_auth_seq_id 
_ndb_struct_na_base_pair.i_PDB_ins_code 
_ndb_struct_na_base_pair.j_auth_asym_id 
_ndb_struct_na_base_pair.j_auth_seq_id 
_ndb_struct_na_base_pair.j_PDB_ins_code 
_ndb_struct_na_base_pair.hbond_type_28 
_ndb_struct_na_base_pair.hbond_type_12 
1 A G 1 1_555 B C 5 1_555 -0.420 -0.453 0.172  -3.491 -14.140 -2.878 1 A_G1:C5_B A 1 ? B 5 ? 19 1 
1 A C 2 1_555 B G 4 1_555 0.051  -0.338 -0.093 -2.460 -11.623 -3.431 2 A_C2:G4_B A 2 ? B 4 ? 19 1 
1 A G 4 1_555 B C 2 1_555 -0.433 -0.129 0.137  2.220  -9.655  3.313  3 A_G4:C2_B A 4 ? B 2 ? 19 1 
1 A C 5 1_555 B G 1 1_555 0.270  -0.268 -0.076 3.252  -14.000 -0.697 4 A_C5:G1_B A 5 ? B 1 ? 19 1 
# 
loop_
_ndb_struct_na_base_pair_step.model_number 
_ndb_struct_na_base_pair_step.i_label_asym_id_1 
_ndb_struct_na_base_pair_step.i_label_comp_id_1 
_ndb_struct_na_base_pair_step.i_label_seq_id_1 
_ndb_struct_na_base_pair_step.i_symmetry_1 
_ndb_struct_na_base_pair_step.j_label_asym_id_1 
_ndb_struct_na_base_pair_step.j_label_comp_id_1 
_ndb_struct_na_base_pair_step.j_label_seq_id_1 
_ndb_struct_na_base_pair_step.j_symmetry_1 
_ndb_struct_na_base_pair_step.i_label_asym_id_2 
_ndb_struct_na_base_pair_step.i_label_comp_id_2 
_ndb_struct_na_base_pair_step.i_label_seq_id_2 
_ndb_struct_na_base_pair_step.i_symmetry_2 
_ndb_struct_na_base_pair_step.j_label_asym_id_2 
_ndb_struct_na_base_pair_step.j_label_comp_id_2 
_ndb_struct_na_base_pair_step.j_label_seq_id_2 
_ndb_struct_na_base_pair_step.j_symmetry_2 
_ndb_struct_na_base_pair_step.shift 
_ndb_struct_na_base_pair_step.slide 
_ndb_struct_na_base_pair_step.rise 
_ndb_struct_na_base_pair_step.tilt 
_ndb_struct_na_base_pair_step.roll 
_ndb_struct_na_base_pair_step.twist 
_ndb_struct_na_base_pair_step.x_displacement 
_ndb_struct_na_base_pair_step.y_displacement 
_ndb_struct_na_base_pair_step.helical_rise 
_ndb_struct_na_base_pair_step.inclination 
_ndb_struct_na_base_pair_step.tip 
_ndb_struct_na_base_pair_step.helical_twist 
_ndb_struct_na_base_pair_step.step_number 
_ndb_struct_na_base_pair_step.step_name 
_ndb_struct_na_base_pair_step.i_auth_asym_id_1 
_ndb_struct_na_base_pair_step.i_auth_seq_id_1 
_ndb_struct_na_base_pair_step.i_PDB_ins_code_1 
_ndb_struct_na_base_pair_step.j_auth_asym_id_1 
_ndb_struct_na_base_pair_step.j_auth_seq_id_1 
_ndb_struct_na_base_pair_step.j_PDB_ins_code_1 
_ndb_struct_na_base_pair_step.i_auth_asym_id_2 
_ndb_struct_na_base_pair_step.i_auth_seq_id_2 
_ndb_struct_na_base_pair_step.i_PDB_ins_code_2 
_ndb_struct_na_base_pair_step.j_auth_asym_id_2 
_ndb_struct_na_base_pair_step.j_auth_seq_id_2 
_ndb_struct_na_base_pair_step.j_PDB_ins_code_2 
1 A G 1 1_555 B C 5 1_555 A C 2 1_555 B G 4 1_555 -0.155 -1.685 3.249 1.778  3.697  37.656 -3.056 0.460  3.066 5.707  -2.745 
37.871 1 AA_G1C2:G4C5_BB A 1 ? B 5 ? A 2 ? B 4 ? 
1 A C 2 1_555 B G 4 1_555 A G 4 1_555 B C 2 1_555 -0.300 -3.425 6.047 -1.528 20.444 61.748 -4.673 0.170  4.828 19.359 1.447  
64.742 2 AA_C2G4:C2G4_BB A 2 ? B 4 ? A 4 ? B 2 ? 
1 A G 4 1_555 B C 2 1_555 A C 5 1_555 B G 1 1_555 0.217  -1.445 3.244 2.344  7.619  34.457 -3.447 -0.029 2.877 12.653 -3.892 
35.340 3 AA_G4C5:G1C2_BB A 4 ? B 2 ? A 5 ? B 1 ? 
# 
_pdbx_entity_nonpoly.entity_id   2 
_pdbx_entity_nonpoly.name        water 
_pdbx_entity_nonpoly.comp_id     HOH 
# 
_pdbx_initial_refinement_model.id               1 
_pdbx_initial_refinement_model.entity_id_list   ? 
_pdbx_initial_refinement_model.type             'experimental model' 
_pdbx_initial_refinement_model.source_name      PDB 
_pdbx_initial_refinement_model.accession_code   4E58 
_pdbx_initial_refinement_model.details          ? 
# 
